data_5OVR
#
_entry.id   5OVR
#
_cell.length_a   52.500
_cell.length_b   64.320
_cell.length_c   100.430
_cell.angle_alpha   90.000
_cell.angle_beta   90.000
_cell.angle_gamma   90.000
#
_symmetry.space_group_name_H-M   'P 21 21 21'
#
loop_
_entity.id
_entity.type
_entity.pdbx_description
1 polymer 'Tyrosine-protein phosphatase non-receptor type 5'
2 non-polymer '[(~{S})-[4-[3-[(~{R})-(3,4-dichlorophenyl)-oxidanyl-methyl]phenyl]phenyl]-oxidanyl-methyl]phosphonic acid'
3 water water
#
_entity_poly.entity_id   1
_entity_poly.type   'polypeptide(L)'
_entity_poly.pdbx_seq_one_letter_code
;MHHHHHHSSGVDLGTENLYFQSMSRVLQAEELHEKALDPFLLQAEFFEIPMNFVDPKEYDIPGLVRKNRYKTILPNPHSR
VCLTSPDPDDPLSSYINANYIRGYGGEEKVYIATQGPIVSTVADFWRMVWQEHTPIIVMITNIEEMNEKCTEYWPEEQVA
YDGVEITVQKVIHTEDYRLRLISLKSGTEERGLKHYWFTSWPDQKTPDRAPPLLHLVREVEEAAQQEGPHCAPIIVHCSA
GIGRTGCFIATSICCQQLRQEGVVDILKTTCQLRQDRGGMIQT(CSO)EQYQFVHHVMSLYEKQLSHQS
;
_entity_poly.pdbx_strand_id   A
#
# COMPACT_ATOMS: atom_id res chain seq x y z
N ASN A 17 8.95 4.18 -18.61
CA ASN A 17 9.89 5.27 -18.87
C ASN A 17 9.18 6.60 -19.19
N LEU A 18 7.96 6.79 -18.70
CA LEU A 18 7.20 8.01 -18.98
C LEU A 18 7.59 9.20 -18.11
N TYR A 19 7.86 8.96 -16.82
CA TYR A 19 8.18 10.03 -15.87
C TYR A 19 9.67 10.09 -15.53
N PHE A 20 10.39 8.97 -15.83
CA PHE A 20 11.82 8.82 -15.66
C PHE A 20 12.27 7.50 -16.29
N GLN A 21 13.56 7.36 -16.56
CA GLN A 21 14.10 6.13 -17.13
C GLN A 21 14.10 5.00 -16.07
N SER A 22 13.33 3.94 -16.31
CA SER A 22 13.27 2.81 -15.40
C SER A 22 14.58 2.02 -15.43
N MET A 23 14.84 1.26 -14.36
CA MET A 23 16.05 0.45 -14.24
C MET A 23 15.61 -0.96 -13.99
N SER A 24 16.47 -1.95 -14.22
CA SER A 24 16.12 -3.35 -14.03
C SER A 24 17.34 -4.14 -13.64
N ARG A 25 17.17 -5.11 -12.75
CA ARG A 25 18.21 -6.05 -12.33
C ARG A 25 17.50 -7.33 -11.94
N VAL A 26 17.41 -8.23 -12.92
CA VAL A 26 16.75 -9.52 -12.83
C VAL A 26 17.63 -10.47 -12.01
N LEU A 27 17.11 -10.86 -10.85
CA LEU A 27 17.81 -11.75 -9.94
C LEU A 27 17.28 -13.17 -10.00
N GLN A 28 18.18 -14.12 -10.31
CA GLN A 28 17.86 -15.55 -10.17
C GLN A 28 18.14 -15.85 -8.68
N ALA A 29 17.79 -17.05 -8.18
CA ALA A 29 17.90 -17.46 -6.79
C ALA A 29 19.22 -17.08 -6.06
N GLU A 30 20.38 -17.53 -6.57
CA GLU A 30 21.70 -17.33 -5.94
C GLU A 30 22.06 -15.85 -5.78
N GLU A 31 21.87 -15.05 -6.84
CA GLU A 31 22.15 -13.62 -6.74
C GLU A 31 21.20 -12.93 -5.79
N LEU A 32 19.93 -13.35 -5.77
CA LEU A 32 18.93 -12.80 -4.84
C LEU A 32 19.36 -12.99 -3.40
N HIS A 33 19.79 -14.21 -3.07
CA HIS A 33 20.31 -14.59 -1.76
C HIS A 33 21.46 -13.69 -1.30
N GLU A 34 22.44 -13.47 -2.19
CA GLU A 34 23.65 -12.66 -1.94
C GLU A 34 23.34 -11.19 -1.88
N LYS A 35 22.50 -10.70 -2.83
CA LYS A 35 22.07 -9.30 -2.94
C LYS A 35 21.45 -8.79 -1.66
N ALA A 36 20.54 -9.60 -1.02
CA ALA A 36 19.86 -9.29 0.26
C ALA A 36 20.83 -9.05 1.40
N LEU A 37 22.02 -9.68 1.30
CA LEU A 37 23.10 -9.61 2.30
C LEU A 37 24.28 -8.73 1.88
N ASP A 38 24.10 -7.88 0.86
CA ASP A 38 25.13 -6.95 0.44
C ASP A 38 24.60 -5.50 0.57
N PRO A 39 24.67 -4.89 1.78
CA PRO A 39 24.09 -3.55 1.96
C PRO A 39 24.80 -2.45 1.17
N PHE A 40 26.09 -2.64 0.82
CA PHE A 40 26.85 -1.69 0.02
C PHE A 40 26.36 -1.66 -1.42
N LEU A 41 26.08 -2.84 -2.03
CA LEU A 41 25.51 -2.80 -3.37
C LEU A 41 24.06 -2.29 -3.33
N LEU A 42 23.33 -2.64 -2.27
CA LEU A 42 21.94 -2.25 -2.10
C LEU A 42 21.76 -0.75 -2.05
N GLN A 43 22.57 -0.07 -1.22
CA GLN A 43 22.52 1.39 -1.07
C GLN A 43 23.00 2.10 -2.33
N ALA A 44 23.97 1.51 -3.04
CA ALA A 44 24.46 2.11 -4.32
C ALA A 44 23.31 2.09 -5.36
N GLU A 45 22.60 0.98 -5.45
CA GLU A 45 21.51 0.78 -6.38
C GLU A 45 20.29 1.66 -6.02
N PHE A 46 19.84 1.56 -4.76
CA PHE A 46 18.73 2.32 -4.16
C PHE A 46 18.83 3.85 -4.37
N PHE A 47 19.99 4.44 -4.04
CA PHE A 47 20.15 5.91 -4.12
C PHE A 47 20.35 6.44 -5.55
N GLU A 48 20.19 5.59 -6.57
CA GLU A 48 20.15 5.98 -8.00
C GLU A 48 18.70 5.98 -8.45
N ILE A 49 17.79 5.42 -7.64
CA ILE A 49 16.38 5.39 -8.03
C ILE A 49 15.78 6.78 -7.83
N PRO A 50 15.21 7.41 -8.88
CA PRO A 50 14.55 8.72 -8.67
C PRO A 50 13.39 8.56 -7.70
N MET A 51 13.24 9.49 -6.73
CA MET A 51 12.12 9.47 -5.78
C MET A 51 10.83 9.78 -6.52
N ASN A 52 10.89 10.71 -7.52
CA ASN A 52 9.74 11.16 -8.31
C ASN A 52 8.69 11.84 -7.40
N PHE A 53 9.15 12.62 -6.42
CA PHE A 53 8.25 13.36 -5.54
C PHE A 53 7.59 14.49 -6.33
N VAL A 54 6.46 14.97 -5.81
CA VAL A 54 5.67 16.03 -6.42
C VAL A 54 6.14 17.34 -5.86
N ASP A 55 6.25 18.38 -6.72
CA ASP A 55 6.55 19.71 -6.21
C ASP A 55 5.24 20.10 -5.47
N PRO A 56 5.31 20.49 -4.17
CA PRO A 56 4.07 20.86 -3.45
C PRO A 56 3.25 21.97 -4.09
N LYS A 57 3.92 22.90 -4.82
CA LYS A 57 3.26 24.00 -5.54
C LYS A 57 2.42 23.50 -6.71
N GLU A 58 2.47 22.19 -7.01
CA GLU A 58 1.64 21.57 -8.07
C GLU A 58 0.17 21.65 -7.67
N TYR A 59 -0.08 21.62 -6.36
CA TYR A 59 -1.43 21.72 -5.80
C TYR A 59 -1.61 23.09 -5.18
N ASP A 60 -2.48 23.91 -5.79
CA ASP A 60 -2.82 25.25 -5.28
C ASP A 60 -4.31 25.20 -5.00
N ILE A 61 -4.66 24.57 -3.88
CA ILE A 61 -6.05 24.37 -3.50
C ILE A 61 -6.25 24.92 -2.10
N PRO A 62 -7.08 25.97 -1.95
CA PRO A 62 -7.35 26.51 -0.60
C PRO A 62 -7.91 25.44 0.34
N GLY A 63 -7.26 25.29 1.49
CA GLY A 63 -7.63 24.30 2.49
C GLY A 63 -6.98 22.93 2.34
N LEU A 64 -6.13 22.74 1.30
CA LEU A 64 -5.43 21.47 1.08
C LEU A 64 -4.51 21.04 2.22
N VAL A 65 -3.98 22.02 3.00
CA VAL A 65 -3.10 21.75 4.15
C VAL A 65 -3.72 20.79 5.17
N ARG A 66 -5.03 20.87 5.34
CA ARG A 66 -5.77 20.05 6.30
C ARG A 66 -5.96 18.61 5.83
N LYS A 67 -5.78 18.34 4.53
CA LYS A 67 -5.94 17.04 3.90
C LYS A 67 -4.67 16.18 3.89
N ASN A 68 -3.51 16.78 4.18
CA ASN A 68 -2.21 16.10 4.12
C ASN A 68 -1.51 16.02 5.46
N ARG A 69 -1.14 14.80 5.83
CA ARG A 69 -0.37 14.47 7.03
C ARG A 69 1.00 15.15 6.94
N TYR A 70 1.65 15.10 5.74
CA TYR A 70 2.96 15.70 5.44
C TYR A 70 2.85 16.56 4.18
N LYS A 71 3.23 17.84 4.27
CA LYS A 71 3.14 18.85 3.20
C LYS A 71 3.93 18.54 1.93
N THR A 72 4.96 17.70 2.05
CA THR A 72 5.88 17.40 0.95
C THR A 72 5.68 16.01 0.31
N ILE A 73 4.82 15.14 0.91
CA ILE A 73 4.48 13.81 0.38
C ILE A 73 3.08 13.98 -0.23
N LEU A 74 3.02 14.29 -1.54
CA LEU A 74 1.77 14.54 -2.23
C LEU A 74 1.49 13.51 -3.31
N PRO A 75 0.20 13.29 -3.69
CA PRO A 75 -0.06 12.30 -4.75
C PRO A 75 0.35 12.83 -6.11
N ASN A 76 0.98 12.01 -6.94
CA ASN A 76 1.38 12.41 -8.29
C ASN A 76 0.08 12.68 -9.09
N PRO A 77 -0.06 13.85 -9.79
CA PRO A 77 -1.36 14.15 -10.43
C PRO A 77 -1.90 13.11 -11.42
N HIS A 78 -1.08 12.47 -12.26
CA HIS A 78 -1.58 11.54 -13.30
C HIS A 78 -2.29 10.25 -12.78
N SER A 79 -1.92 9.79 -11.57
CA SER A 79 -2.42 8.54 -10.96
C SER A 79 -3.20 8.77 -9.67
N ARG A 80 -3.45 10.06 -9.34
CA ARG A 80 -4.17 10.52 -8.15
C ARG A 80 -5.60 9.96 -8.12
N VAL A 81 -6.09 9.54 -6.95
CA VAL A 81 -7.47 9.08 -6.84
C VAL A 81 -8.34 10.33 -6.65
N CYS A 82 -9.27 10.60 -7.58
CA CYS A 82 -10.16 11.74 -7.47
C CYS A 82 -11.51 11.29 -6.89
N LEU A 83 -11.99 11.96 -5.85
CA LEU A 83 -13.26 11.63 -5.24
C LEU A 83 -14.38 12.35 -6.02
N THR A 84 -15.01 11.64 -6.94
CA THR A 84 -16.02 12.20 -7.87
C THR A 84 -17.42 12.46 -7.24
N SER A 85 -17.64 12.05 -5.99
CA SER A 85 -18.92 12.29 -5.28
C SER A 85 -18.62 12.99 -3.95
N PRO A 86 -19.33 14.08 -3.60
CA PRO A 86 -20.52 14.68 -4.26
C PRO A 86 -20.28 15.80 -5.29
N ASP A 87 -19.01 16.23 -5.51
CA ASP A 87 -18.72 17.31 -6.46
C ASP A 87 -17.37 17.07 -7.15
N PRO A 88 -17.35 16.51 -8.39
CA PRO A 88 -16.05 16.25 -9.05
C PRO A 88 -15.31 17.50 -9.52
N ASP A 89 -16.03 18.64 -9.56
CA ASP A 89 -15.53 19.95 -10.01
C ASP A 89 -14.97 20.82 -8.90
N ASP A 90 -15.10 20.37 -7.63
CA ASP A 90 -14.56 21.08 -6.46
C ASP A 90 -13.21 20.44 -6.16
N PRO A 91 -12.09 21.18 -6.41
CA PRO A 91 -10.74 20.58 -6.20
C PRO A 91 -10.47 20.08 -4.80
N LEU A 92 -11.10 20.70 -3.79
CA LEU A 92 -10.93 20.25 -2.41
C LEU A 92 -11.73 18.99 -2.08
N SER A 93 -13.05 18.96 -2.41
CA SER A 93 -13.92 17.81 -2.11
C SER A 93 -13.48 16.53 -2.83
N SER A 94 -12.92 16.69 -4.04
CA SER A 94 -12.42 15.58 -4.84
C SER A 94 -10.97 15.15 -4.46
N TYR A 95 -10.33 15.85 -3.53
CA TYR A 95 -8.96 15.50 -3.15
C TYR A 95 -8.86 14.49 -1.99
N ILE A 96 -7.90 13.55 -2.13
CA ILE A 96 -7.44 12.55 -1.18
C ILE A 96 -5.95 12.31 -1.47
N ASN A 97 -5.13 12.17 -0.42
CA ASN A 97 -3.73 11.94 -0.69
C ASN A 97 -3.61 10.42 -0.99
N ALA A 98 -3.83 10.01 -2.27
CA ALA A 98 -3.84 8.60 -2.68
C ALA A 98 -3.56 8.47 -4.13
N ASN A 99 -3.02 7.31 -4.54
CA ASN A 99 -2.69 7.03 -5.93
C ASN A 99 -3.01 5.62 -6.29
N TYR A 100 -3.51 5.42 -7.55
CA TYR A 100 -3.71 4.10 -8.12
C TYR A 100 -2.31 3.59 -8.40
N ILE A 101 -2.11 2.34 -8.04
CA ILE A 101 -0.82 1.66 -8.17
C ILE A 101 -0.99 0.44 -9.07
N ARG A 102 -0.16 0.37 -10.12
CA ARG A 102 -0.15 -0.77 -11.02
C ARG A 102 0.46 -1.97 -10.28
N GLY A 103 -0.09 -3.15 -10.56
CA GLY A 103 0.42 -4.40 -9.96
C GLY A 103 1.36 -5.09 -10.92
N TYR A 104 1.53 -6.40 -10.74
CA TYR A 104 2.39 -7.24 -11.59
C TYR A 104 2.02 -7.15 -13.08
N GLY A 105 3.01 -7.03 -13.95
CA GLY A 105 2.84 -6.92 -15.40
C GLY A 105 2.21 -5.61 -15.85
N GLY A 106 2.09 -4.65 -14.93
CA GLY A 106 1.52 -3.32 -15.18
C GLY A 106 0.00 -3.29 -15.09
N GLU A 107 -0.64 -4.37 -14.53
CA GLU A 107 -2.10 -4.37 -14.41
C GLU A 107 -2.55 -3.06 -13.73
N GLU A 108 -3.48 -2.36 -14.36
CA GLU A 108 -3.94 -1.08 -13.86
C GLU A 108 -4.77 -1.20 -12.59
N LYS A 109 -4.53 -0.27 -11.64
CA LYS A 109 -5.30 -0.11 -10.41
C LYS A 109 -5.39 -1.36 -9.53
N VAL A 110 -4.30 -2.14 -9.40
CA VAL A 110 -4.38 -3.33 -8.50
C VAL A 110 -4.49 -2.89 -7.01
N TYR A 111 -3.85 -1.80 -6.69
CA TYR A 111 -3.81 -1.21 -5.36
C TYR A 111 -4.05 0.28 -5.43
N ILE A 112 -4.31 0.84 -4.27
CA ILE A 112 -4.34 2.27 -4.01
C ILE A 112 -3.39 2.46 -2.83
N ALA A 113 -2.40 3.33 -2.99
CA ALA A 113 -1.47 3.67 -1.91
C ALA A 113 -1.93 5.02 -1.32
N THR A 114 -2.08 5.05 -0.02
CA THR A 114 -2.57 6.27 0.60
C THR A 114 -1.97 6.48 1.94
N GLN A 115 -2.03 7.72 2.45
CA GLN A 115 -1.57 8.04 3.79
C GLN A 115 -2.56 7.46 4.81
N GLY A 116 -2.10 7.27 6.04
CA GLY A 116 -2.96 6.84 7.12
C GLY A 116 -3.93 8.00 7.38
N PRO A 117 -5.26 7.75 7.39
CA PRO A 117 -6.20 8.86 7.60
C PRO A 117 -5.91 9.68 8.86
N ILE A 118 -6.20 10.97 8.79
CA ILE A 118 -6.06 11.90 9.91
C ILE A 118 -7.51 12.27 10.27
N VAL A 119 -7.73 12.98 11.40
CA VAL A 119 -9.10 13.35 11.85
C VAL A 119 -9.94 13.95 10.70
N SER A 120 -9.42 14.98 10.05
CA SER A 120 -10.12 15.68 8.96
C SER A 120 -10.27 14.86 7.63
N THR A 121 -9.65 13.64 7.53
CA THR A 121 -9.79 12.82 6.31
C THR A 121 -10.44 11.43 6.53
N VAL A 122 -11.03 11.17 7.71
CA VAL A 122 -11.67 9.87 8.01
C VAL A 122 -12.84 9.59 7.06
N ALA A 123 -13.76 10.57 6.92
CA ALA A 123 -14.91 10.44 6.03
C ALA A 123 -14.49 10.36 4.54
N ASP A 124 -13.47 11.14 4.13
CA ASP A 124 -12.87 11.10 2.76
C ASP A 124 -12.34 9.70 2.42
N PHE A 125 -11.64 9.08 3.36
CA PHE A 125 -11.09 7.73 3.22
C PHE A 125 -12.24 6.74 2.92
N TRP A 126 -13.36 6.80 3.68
CA TRP A 126 -14.55 5.95 3.45
C TRP A 126 -15.22 6.26 2.10
N ARG A 127 -15.21 7.55 1.67
CA ARG A 127 -15.70 7.94 0.34
C ARG A 127 -14.87 7.21 -0.72
N MET A 128 -13.52 7.15 -0.53
CA MET A 128 -12.65 6.44 -1.45
C MET A 128 -13.01 4.96 -1.47
N VAL A 129 -13.19 4.34 -0.29
CA VAL A 129 -13.52 2.90 -0.16
C VAL A 129 -14.78 2.58 -0.98
N TRP A 130 -15.83 3.40 -0.80
CA TRP A 130 -17.11 3.23 -1.45
C TRP A 130 -17.02 3.45 -2.95
N GLN A 131 -16.39 4.56 -3.38
CA GLN A 131 -16.21 4.85 -4.81
C GLN A 131 -15.48 3.71 -5.52
N GLU A 132 -14.43 3.17 -4.88
CA GLU A 132 -13.56 2.17 -5.49
C GLU A 132 -14.02 0.71 -5.38
N HIS A 133 -15.09 0.41 -4.60
CA HIS A 133 -15.58 -0.95 -4.33
C HIS A 133 -14.44 -1.77 -3.69
N THR A 134 -13.58 -1.11 -2.88
CA THR A 134 -12.42 -1.72 -2.24
C THR A 134 -12.82 -2.90 -1.34
N PRO A 135 -12.33 -4.13 -1.64
CA PRO A 135 -12.72 -5.29 -0.82
C PRO A 135 -11.79 -5.54 0.36
N ILE A 136 -10.57 -5.00 0.30
CA ILE A 136 -9.48 -5.25 1.25
C ILE A 136 -8.73 -3.98 1.55
N ILE A 137 -8.43 -3.74 2.84
CA ILE A 137 -7.56 -2.66 3.30
C ILE A 137 -6.39 -3.35 4.03
N VAL A 138 -5.15 -2.90 3.74
CA VAL A 138 -3.91 -3.33 4.41
C VAL A 138 -3.38 -2.11 5.15
N MET A 139 -3.44 -2.14 6.49
CA MET A 139 -3.00 -1.06 7.37
C MET A 139 -1.69 -1.49 8.05
N ILE A 140 -0.57 -0.81 7.73
CA ILE A 140 0.73 -1.17 8.27
C ILE A 140 1.16 -0.11 9.31
N THR A 141 0.54 -0.21 10.49
CA THR A 141 0.78 0.67 11.62
C THR A 141 0.88 -0.17 12.88
N ASN A 142 1.94 0.05 13.70
CA ASN A 142 2.09 -0.67 14.96
C ASN A 142 1.16 -0.09 16.01
N ILE A 143 0.75 -0.94 16.98
CA ILE A 143 -0.14 -0.60 18.10
C ILE A 143 0.30 0.70 18.82
N GLU A 144 1.60 0.82 19.16
CA GLU A 144 2.19 1.95 19.87
C GLU A 144 2.17 3.28 19.08
N GLU A 145 2.07 3.19 17.72
CA GLU A 145 2.00 4.31 16.77
C GLU A 145 0.61 4.93 16.63
N MET A 146 -0.41 4.33 17.26
CA MET A 146 -1.77 4.87 17.26
C MET A 146 -1.77 5.93 18.41
N ASN A 147 -2.30 7.15 18.23
CA ASN A 147 -3.02 7.66 17.08
C ASN A 147 -2.23 8.71 16.28
N GLU A 148 -0.93 8.87 16.56
CA GLU A 148 -0.11 9.86 15.85
C GLU A 148 0.28 9.45 14.43
N LYS A 149 0.40 8.14 14.13
CA LYS A 149 0.77 7.68 12.77
C LYS A 149 -0.45 7.28 11.94
N CYS A 150 -1.59 7.06 12.61
CA CYS A 150 -2.89 6.74 12.01
C CYS A 150 -4.02 7.02 13.01
N THR A 151 -5.06 7.74 12.56
CA THR A 151 -6.23 7.98 13.40
C THR A 151 -7.06 6.70 13.27
N GLU A 152 -7.73 6.28 14.36
CA GLU A 152 -8.60 5.09 14.35
C GLU A 152 -9.84 5.51 13.57
N TYR A 153 -9.90 5.11 12.29
CA TYR A 153 -10.97 5.52 11.36
C TYR A 153 -12.15 4.53 11.25
N TRP A 154 -12.02 3.32 11.78
CA TRP A 154 -13.10 2.33 11.81
C TRP A 154 -13.90 2.51 13.11
N PRO A 155 -15.20 2.13 13.16
CA PRO A 155 -15.94 2.26 14.42
C PRO A 155 -15.69 1.07 15.35
N GLU A 156 -16.02 1.24 16.64
CA GLU A 156 -15.91 0.12 17.59
C GLU A 156 -16.94 -0.94 17.19
N GLU A 157 -18.11 -0.47 16.68
CA GLU A 157 -19.19 -1.33 16.23
C GLU A 157 -19.78 -0.83 14.90
N GLN A 158 -20.39 0.38 14.92
CA GLN A 158 -21.07 0.93 13.75
C GLN A 158 -20.96 2.44 13.67
N VAL A 159 -20.90 2.95 12.43
CA VAL A 159 -20.83 4.39 12.11
C VAL A 159 -21.37 4.61 10.71
N ALA A 160 -21.96 5.79 10.48
CA ALA A 160 -22.44 6.18 9.17
C ALA A 160 -21.74 7.47 8.72
N TYR A 161 -21.14 7.41 7.53
CA TYR A 161 -20.44 8.52 6.87
C TYR A 161 -21.04 8.67 5.47
N ASP A 162 -21.56 9.87 5.15
CA ASP A 162 -22.08 10.20 3.82
C ASP A 162 -22.99 9.09 3.22
N GLY A 163 -23.95 8.63 4.00
CA GLY A 163 -24.92 7.61 3.60
C GLY A 163 -24.43 6.17 3.61
N VAL A 164 -23.20 5.93 4.08
CA VAL A 164 -22.71 4.54 4.13
C VAL A 164 -22.65 4.10 5.55
N GLU A 165 -23.39 3.03 5.89
CA GLU A 165 -23.33 2.45 7.22
C GLU A 165 -22.16 1.44 7.22
N ILE A 166 -21.15 1.72 8.05
CA ILE A 166 -19.94 0.92 8.21
C ILE A 166 -20.09 0.19 9.52
N THR A 167 -20.09 -1.14 9.45
CA THR A 167 -20.26 -1.99 10.61
C THR A 167 -19.14 -3.00 10.73
N VAL A 168 -18.47 -3.01 11.88
CA VAL A 168 -17.46 -4.01 12.20
C VAL A 168 -18.25 -5.23 12.76
N GLN A 169 -18.31 -6.30 11.96
CA GLN A 169 -19.05 -7.51 12.28
C GLN A 169 -18.25 -8.53 13.07
N LYS A 170 -16.91 -8.54 12.95
CA LYS A 170 -16.06 -9.51 13.64
C LYS A 170 -14.63 -9.01 13.66
N VAL A 171 -13.93 -9.23 14.79
CA VAL A 171 -12.53 -8.91 15.01
C VAL A 171 -11.76 -10.23 15.25
N ILE A 172 -10.96 -10.66 14.25
CA ILE A 172 -10.13 -11.86 14.28
C ILE A 172 -8.70 -11.46 14.69
N HIS A 173 -8.31 -11.83 15.92
CA HIS A 173 -6.99 -11.52 16.42
C HIS A 173 -5.97 -12.62 16.07
N THR A 174 -4.94 -12.27 15.30
CA THR A 174 -3.85 -13.19 14.98
C THR A 174 -2.59 -12.62 15.64
N GLU A 175 -1.49 -13.35 15.53
CA GLU A 175 -0.21 -12.99 16.14
C GLU A 175 0.41 -11.73 15.50
N ASP A 176 0.27 -11.59 14.17
CA ASP A 176 0.89 -10.50 13.41
C ASP A 176 -0.09 -9.51 12.79
N TYR A 177 -1.41 -9.79 12.87
CA TYR A 177 -2.44 -8.84 12.42
C TYR A 177 -3.79 -9.01 13.15
N ARG A 178 -4.64 -7.96 13.10
CA ARG A 178 -6.02 -7.98 13.59
C ARG A 178 -6.84 -7.82 12.33
N LEU A 179 -7.64 -8.86 11.98
CA LEU A 179 -8.52 -8.83 10.80
C LEU A 179 -9.97 -8.43 11.19
N ARG A 180 -10.47 -7.34 10.60
CA ARG A 180 -11.85 -6.90 10.81
C ARG A 180 -12.65 -7.20 9.55
N LEU A 181 -13.79 -7.89 9.73
CA LEU A 181 -14.74 -8.26 8.68
C LEU A 181 -15.83 -7.22 8.81
N ILE A 182 -15.87 -6.31 7.84
CA ILE A 182 -16.74 -5.13 7.81
C ILE A 182 -17.85 -5.24 6.78
N SER A 183 -18.97 -4.61 7.12
CA SER A 183 -20.09 -4.51 6.19
C SER A 183 -20.24 -3.04 5.83
N LEU A 184 -20.53 -2.76 4.56
CA LEU A 184 -20.79 -1.40 4.05
C LEU A 184 -22.18 -1.43 3.39
N LYS A 185 -23.14 -0.66 3.92
CA LYS A 185 -24.53 -0.58 3.43
C LYS A 185 -24.91 0.85 3.06
N SER A 186 -25.47 1.04 1.87
CA SER A 186 -25.98 2.34 1.39
C SER A 186 -27.20 2.01 0.57
N GLY A 187 -28.36 2.48 1.04
CA GLY A 187 -29.65 2.21 0.41
C GLY A 187 -30.00 0.75 0.55
N THR A 188 -29.91 -0.01 -0.54
CA THR A 188 -30.18 -1.45 -0.51
C THR A 188 -28.91 -2.29 -0.73
N GLU A 189 -27.85 -1.69 -1.32
CA GLU A 189 -26.63 -2.44 -1.61
C GLU A 189 -25.72 -2.60 -0.40
N GLU A 190 -25.26 -3.83 -0.21
CA GLU A 190 -24.40 -4.24 0.88
C GLU A 190 -23.13 -4.86 0.31
N ARG A 191 -21.98 -4.46 0.85
CA ARG A 191 -20.69 -5.00 0.41
C ARG A 191 -19.87 -5.40 1.64
N GLY A 192 -18.98 -6.35 1.42
CA GLY A 192 -18.05 -6.82 2.44
C GLY A 192 -16.72 -6.14 2.28
N LEU A 193 -15.96 -6.06 3.35
CA LEU A 193 -14.63 -5.47 3.35
C LEU A 193 -13.77 -6.18 4.40
N LYS A 194 -12.51 -6.49 4.03
CA LYS A 194 -11.54 -7.11 4.91
C LYS A 194 -10.50 -6.06 5.28
N HIS A 195 -10.39 -5.73 6.57
CA HIS A 195 -9.45 -4.75 7.09
C HIS A 195 -8.31 -5.49 7.84
N TYR A 196 -7.11 -5.57 7.22
CA TYR A 196 -5.95 -6.26 7.84
C TYR A 196 -5.05 -5.22 8.51
N TRP A 197 -5.09 -5.15 9.85
CA TRP A 197 -4.23 -4.26 10.62
C TRP A 197 -2.98 -5.04 11.03
N PHE A 198 -1.86 -4.83 10.30
CA PHE A 198 -0.57 -5.49 10.56
C PHE A 198 0.13 -4.76 11.72
N THR A 199 0.50 -5.53 12.77
CA THR A 199 1.07 -5.03 14.00
C THR A 199 2.54 -5.46 14.26
N SER A 200 3.20 -6.09 13.28
CA SER A 200 4.58 -6.57 13.43
C SER A 200 5.55 -5.93 12.44
N TRP A 201 5.45 -4.63 12.22
CA TRP A 201 6.39 -3.98 11.32
C TRP A 201 7.69 -3.72 12.08
N PRO A 202 8.86 -4.23 11.60
CA PRO A 202 10.08 -4.08 12.39
C PRO A 202 10.80 -2.75 12.27
N ASP A 203 11.41 -2.31 13.38
CA ASP A 203 12.24 -1.11 13.47
C ASP A 203 13.64 -1.44 12.87
N GLN A 204 14.14 -2.65 13.21
CA GLN A 204 15.39 -3.21 12.74
C GLN A 204 14.98 -4.32 11.77
N LYS A 205 15.20 -4.03 10.51
CA LYS A 205 14.74 -4.83 9.38
C LYS A 205 15.69 -5.97 9.05
N THR A 206 15.98 -6.81 10.05
CA THR A 206 16.87 -7.96 9.96
C THR A 206 16.17 -9.13 9.26
N PRO A 207 16.88 -10.17 8.74
CA PRO A 207 16.16 -11.28 8.08
C PRO A 207 15.11 -12.01 8.94
N ASP A 208 15.37 -12.17 10.25
CA ASP A 208 14.46 -12.88 11.17
C ASP A 208 13.09 -12.18 11.32
N ARG A 209 12.98 -10.93 10.84
CA ARG A 209 11.75 -10.14 10.88
C ARG A 209 10.95 -10.21 9.57
N ALA A 210 11.47 -10.91 8.56
CA ALA A 210 10.81 -11.09 7.26
C ALA A 210 9.57 -12.03 7.31
N PRO A 211 9.49 -13.13 8.12
CA PRO A 211 8.31 -14.02 8.04
C PRO A 211 6.95 -13.37 8.29
N PRO A 212 6.71 -12.44 9.26
CA PRO A 212 5.34 -11.90 9.40
C PRO A 212 4.86 -11.07 8.22
N LEU A 213 5.76 -10.35 7.50
CA LEU A 213 5.39 -9.54 6.34
C LEU A 213 5.06 -10.48 5.16
N LEU A 214 5.86 -11.55 4.98
CA LEU A 214 5.61 -12.55 3.95
C LEU A 214 4.23 -13.23 4.16
N HIS A 215 3.89 -13.64 5.41
CA HIS A 215 2.61 -14.26 5.73
CA HIS A 215 2.60 -14.27 5.71
C HIS A 215 1.46 -13.33 5.34
N LEU A 216 1.58 -12.02 5.68
CA LEU A 216 0.56 -11.01 5.37
C LEU A 216 0.34 -10.88 3.85
N VAL A 217 1.43 -10.77 3.07
CA VAL A 217 1.43 -10.63 1.61
C VAL A 217 0.68 -11.82 0.97
N ARG A 218 1.02 -13.04 1.41
CA ARG A 218 0.41 -14.29 0.97
C ARG A 218 -1.05 -14.36 1.41
N GLU A 219 -1.39 -13.96 2.65
CA GLU A 219 -2.80 -13.94 3.10
C GLU A 219 -3.63 -12.98 2.25
N VAL A 220 -3.12 -11.77 2.04
CA VAL A 220 -3.85 -10.77 1.26
C VAL A 220 -3.97 -11.17 -0.24
N GLU A 221 -2.94 -11.80 -0.83
CA GLU A 221 -3.02 -12.15 -2.25
C GLU A 221 -4.02 -13.30 -2.48
N GLU A 222 -4.15 -14.24 -1.52
CA GLU A 222 -5.15 -15.29 -1.60
C GLU A 222 -6.54 -14.70 -1.41
N ALA A 223 -6.69 -13.72 -0.49
CA ALA A 223 -7.98 -13.07 -0.24
C ALA A 223 -8.39 -12.24 -1.50
N ALA A 224 -7.43 -11.56 -2.16
CA ALA A 224 -7.72 -10.81 -3.41
C ALA A 224 -8.14 -11.77 -4.55
N GLN A 225 -7.59 -13.00 -4.58
CA GLN A 225 -7.98 -13.99 -5.61
C GLN A 225 -9.40 -14.45 -5.42
N GLN A 226 -9.82 -14.63 -4.15
CA GLN A 226 -11.16 -15.03 -3.76
C GLN A 226 -12.25 -14.01 -4.17
N GLU A 227 -11.86 -12.80 -4.58
CA GLU A 227 -12.82 -11.76 -5.02
C GLU A 227 -13.26 -12.05 -6.47
N GLY A 228 -12.56 -12.98 -7.12
CA GLY A 228 -12.84 -13.34 -8.50
C GLY A 228 -12.33 -12.34 -9.52
N PRO A 229 -12.85 -12.45 -10.78
CA PRO A 229 -12.36 -11.61 -11.88
C PRO A 229 -12.45 -10.11 -11.66
N HIS A 230 -11.40 -9.41 -12.08
CA HIS A 230 -11.25 -7.95 -12.02
C HIS A 230 -11.49 -7.39 -10.61
N CYS A 231 -10.68 -7.89 -9.65
CA CYS A 231 -10.73 -7.46 -8.27
C CYS A 231 -10.58 -5.95 -8.25
N ALA A 232 -11.43 -5.27 -7.47
CA ALA A 232 -11.39 -3.83 -7.29
C ALA A 232 -10.07 -3.46 -6.55
N PRO A 233 -9.65 -2.16 -6.50
CA PRO A 233 -8.35 -1.85 -5.88
C PRO A 233 -8.23 -2.16 -4.38
N ILE A 234 -7.05 -2.66 -4.00
CA ILE A 234 -6.76 -2.99 -2.61
C ILE A 234 -6.11 -1.76 -2.01
N ILE A 235 -6.68 -1.21 -0.94
CA ILE A 235 -6.11 -0.04 -0.29
C ILE A 235 -5.02 -0.48 0.66
N VAL A 236 -3.81 0.08 0.47
CA VAL A 236 -2.66 -0.15 1.35
C VAL A 236 -2.27 1.21 1.97
N HIS A 237 -2.11 1.27 3.31
CA HIS A 237 -1.66 2.49 3.97
C HIS A 237 -0.73 2.28 5.17
N CYS A 238 0.12 3.25 5.38
CA CYS A 238 1.03 3.39 6.52
C CYS A 238 1.00 4.92 6.84
N SER A 239 1.94 5.52 7.61
CA SER A 239 1.85 6.97 7.89
C SER A 239 1.72 7.86 6.63
N ALA A 240 2.77 7.95 5.81
CA ALA A 240 2.75 8.78 4.59
C ALA A 240 2.23 8.07 3.35
N GLY A 241 2.05 6.74 3.47
CA GLY A 241 1.56 5.86 2.41
C GLY A 241 2.57 5.62 1.32
N ILE A 242 3.88 5.64 1.68
CA ILE A 242 4.94 5.43 0.70
C ILE A 242 5.97 4.35 1.14
N GLY A 243 6.51 4.46 2.35
CA GLY A 243 7.54 3.57 2.89
C GLY A 243 7.16 2.11 3.08
N ARG A 244 6.33 1.85 4.10
CA ARG A 244 5.86 0.50 4.42
C ARG A 244 4.93 0.03 3.32
N THR A 245 4.07 0.97 2.82
CA THR A 245 3.14 0.76 1.70
C THR A 245 3.90 0.29 0.45
N GLY A 246 5.00 0.98 0.10
CA GLY A 246 5.86 0.59 -1.02
C GLY A 246 6.42 -0.81 -0.87
N CYS A 247 6.89 -1.16 0.35
CA CYS A 247 7.42 -2.49 0.69
C CYS A 247 6.37 -3.59 0.47
N PHE A 248 5.17 -3.38 1.00
CA PHE A 248 4.09 -4.36 0.92
C PHE A 248 3.75 -4.62 -0.52
N ILE A 249 3.60 -3.55 -1.29
CA ILE A 249 3.22 -3.66 -2.69
C ILE A 249 4.35 -4.28 -3.51
N ALA A 250 5.62 -3.86 -3.30
CA ALA A 250 6.73 -4.47 -4.05
C ALA A 250 6.82 -5.95 -3.76
N THR A 251 6.67 -6.35 -2.48
CA THR A 251 6.71 -7.76 -2.08
C THR A 251 5.60 -8.53 -2.77
N SER A 252 4.39 -8.00 -2.75
CA SER A 252 3.23 -8.63 -3.39
C SER A 252 3.48 -8.85 -4.91
N ILE A 253 4.02 -7.85 -5.60
CA ILE A 253 4.29 -7.95 -7.04
C ILE A 253 5.36 -8.99 -7.35
N CYS A 254 6.49 -8.94 -6.62
CA CYS A 254 7.61 -9.86 -6.81
C CYS A 254 7.26 -11.30 -6.44
N CYS A 255 6.31 -11.49 -5.52
CA CYS A 255 5.84 -12.84 -5.15
C CYS A 255 5.17 -13.49 -6.33
N GLN A 256 4.35 -12.70 -7.06
CA GLN A 256 3.74 -13.14 -8.32
C GLN A 256 4.77 -13.31 -9.42
N GLN A 257 5.74 -12.37 -9.52
CA GLN A 257 6.81 -12.50 -10.49
C GLN A 257 7.67 -13.78 -10.30
N LEU A 258 8.04 -14.09 -9.06
CA LEU A 258 8.85 -15.28 -8.80
C LEU A 258 8.09 -16.58 -9.18
N ARG A 259 6.80 -16.66 -8.85
CA ARG A 259 6.03 -17.85 -9.20
C ARG A 259 5.85 -18.00 -10.72
N GLN A 260 5.62 -16.88 -11.41
CA GLN A 260 5.39 -16.90 -12.86
C GLN A 260 6.67 -17.04 -13.68
N GLU A 261 7.69 -16.23 -13.37
CA GLU A 261 8.93 -16.10 -14.14
C GLU A 261 10.16 -16.82 -13.60
N GLY A 262 10.13 -17.20 -12.32
CA GLY A 262 11.26 -17.86 -11.68
C GLY A 262 12.41 -16.91 -11.39
N VAL A 263 12.13 -15.59 -11.33
CA VAL A 263 13.11 -14.53 -11.08
C VAL A 263 12.41 -13.39 -10.32
N VAL A 264 13.18 -12.44 -9.73
CA VAL A 264 12.63 -11.22 -9.11
C VAL A 264 13.41 -10.02 -9.63
N ASP A 265 12.70 -8.92 -9.81
CA ASP A 265 13.27 -7.66 -10.23
C ASP A 265 12.65 -6.64 -9.32
N ILE A 266 13.28 -6.48 -8.15
CA ILE A 266 12.85 -5.52 -7.14
C ILE A 266 13.12 -4.13 -7.66
N LEU A 267 14.27 -3.95 -8.36
CA LEU A 267 14.70 -2.70 -8.97
C LEU A 267 13.66 -2.14 -9.95
N LYS A 268 13.23 -2.96 -10.93
CA LYS A 268 12.21 -2.55 -11.91
C LYS A 268 10.82 -2.39 -11.28
N THR A 269 10.50 -3.19 -10.22
CA THR A 269 9.23 -3.08 -9.50
C THR A 269 9.23 -1.76 -8.71
N THR A 270 10.37 -1.38 -8.08
CA THR A 270 10.49 -0.10 -7.34
C THR A 270 10.30 1.09 -8.32
N CYS A 271 10.93 1.03 -9.49
CA CYS A 271 10.75 2.07 -10.54
C CYS A 271 9.28 2.19 -10.93
N GLN A 272 8.59 1.05 -11.14
CA GLN A 272 7.16 1.02 -11.51
C GLN A 272 6.34 1.70 -10.43
N LEU A 273 6.69 1.48 -9.16
CA LEU A 273 6.03 2.06 -7.99
C LEU A 273 6.22 3.57 -7.88
N ARG A 274 7.45 4.06 -8.12
CA ARG A 274 7.81 5.47 -8.05
C ARG A 274 7.16 6.24 -9.21
N GLN A 275 6.94 5.60 -10.35
CA GLN A 275 6.25 6.22 -11.49
C GLN A 275 4.80 6.56 -11.10
N ASP A 276 4.15 5.68 -10.28
CA ASP A 276 2.76 5.84 -9.80
C ASP A 276 2.64 6.73 -8.56
N ARG A 277 3.54 6.59 -7.58
CA ARG A 277 3.51 7.39 -6.36
C ARG A 277 4.96 7.62 -5.88
N GLY A 278 5.36 8.89 -5.80
CA GLY A 278 6.72 9.27 -5.43
C GLY A 278 7.08 8.76 -4.05
N GLY A 279 8.31 8.28 -3.89
CA GLY A 279 8.84 7.82 -2.60
C GLY A 279 8.54 6.40 -2.15
N MET A 280 7.77 5.64 -2.96
CA MET A 280 7.41 4.23 -2.69
C MET A 280 8.70 3.44 -2.44
N ILE A 281 8.84 2.88 -1.20
CA ILE A 281 10.04 2.26 -0.62
C ILE A 281 10.94 3.47 -0.29
N GLN A 282 10.67 4.07 0.84
CA GLN A 282 11.30 5.33 1.24
C GLN A 282 12.74 5.20 1.64
N THR A 283 13.11 4.12 2.33
CA THR A 283 14.47 4.01 2.85
C THR A 283 15.23 2.84 2.27
N GLU A 285 16.88 0.75 4.21
CA GLU A 285 16.61 -0.36 5.11
C GLU A 285 15.33 -1.09 4.67
N GLN A 286 14.33 -0.33 4.16
CA GLN A 286 13.09 -0.89 3.57
C GLN A 286 13.44 -1.64 2.27
N TYR A 287 14.28 -1.05 1.42
CA TYR A 287 14.73 -1.69 0.17
C TYR A 287 15.40 -3.04 0.45
N GLN A 288 16.33 -3.06 1.39
CA GLN A 288 17.02 -4.27 1.79
C GLN A 288 16.02 -5.29 2.37
N PHE A 289 15.04 -4.82 3.17
CA PHE A 289 13.99 -5.65 3.77
C PHE A 289 13.21 -6.41 2.73
N VAL A 290 12.84 -5.74 1.61
CA VAL A 290 12.12 -6.40 0.48
C VAL A 290 12.98 -7.55 -0.10
N HIS A 291 14.31 -7.34 -0.19
CA HIS A 291 15.26 -8.37 -0.60
C HIS A 291 15.31 -9.51 0.40
N HIS A 292 15.29 -9.23 1.75
CA HIS A 292 15.20 -10.30 2.78
C HIS A 292 13.89 -11.11 2.63
N VAL A 293 12.78 -10.41 2.34
CA VAL A 293 11.47 -11.05 2.19
C VAL A 293 11.43 -11.95 0.96
N MET A 294 11.96 -11.47 -0.18
CA MET A 294 11.98 -12.23 -1.43
C MET A 294 12.95 -13.39 -1.41
N SER A 295 14.11 -13.22 -0.77
CA SER A 295 15.10 -14.28 -0.63
C SER A 295 14.46 -15.45 0.19
N LEU A 296 13.76 -15.11 1.30
CA LEU A 296 13.04 -16.08 2.14
C LEU A 296 11.97 -16.82 1.34
N TYR A 297 11.11 -16.07 0.64
CA TYR A 297 10.04 -16.66 -0.16
C TYR A 297 10.59 -17.63 -1.19
N GLU A 298 11.71 -17.27 -1.83
CA GLU A 298 12.38 -18.11 -2.82
C GLU A 298 12.81 -19.45 -2.18
N LYS A 299 13.38 -19.40 -0.99
CA LYS A 299 13.77 -20.59 -0.25
C LYS A 299 12.54 -21.42 0.07
N GLN A 300 11.45 -20.79 0.54
CA GLN A 300 10.21 -21.48 0.87
C GLN A 300 9.56 -22.15 -0.33
N LEU A 301 9.52 -21.46 -1.50
CA LEU A 301 8.97 -21.97 -2.76
C LEU A 301 9.74 -23.22 -3.22
N SER A 302 11.08 -23.20 -3.08
CA SER A 302 12.01 -24.27 -3.49
C SER A 302 11.63 -25.65 -2.96
N HIS A 303 10.90 -25.71 -1.84
CA HIS A 303 10.42 -26.95 -1.20
C HIS A 303 9.02 -27.36 -1.67
#